data_3FOW
#
_entry.id   3FOW
#
_cell.length_a   234.969
_cell.length_b   234.969
_cell.length_c   234.969
_cell.angle_alpha   90.00
_cell.angle_beta   90.00
_cell.angle_gamma   90.00
#
_symmetry.space_group_name_H-M   'I 41 3 2'
#
loop_
_entity.id
_entity.type
_entity.pdbx_description
1 polymer 'Uridine phosphorylase, putative'
2 non-polymer 'PHOSPHATE ION'
3 non-polymer 1,4-DIDEOXY-4-AZA-1-(S)-(9-DEAZAHYPOXANTHIN-9-YL)-D-RIBITOL
4 water water
#
_entity_poly.entity_id   1
_entity_poly.type   'polypeptide(L)'
_entity_poly.pdbx_seq_one_letter_code
;MALDNLLRHLKISKEQITPVVLVVGDPGRVDKIKVVCDSYVDLAYNREYKSVECHYKGQKFLCVSHGIGSAGCAICFEEL
CQNGAKVIIRAGSCGSLQPDLIKRGDICICNAAVREDRVSHLLIHGDFPAVGDFDVYDTLNKCAQELNVPVFNGISVSSD
MFYPNKIIPSRLEDYSKANAAVVEMELATLMVIGTLRKVKTGGILIVDGCPFKWDEGDFDNNLVPHQLENMIKIALGACA
KLATKYAKGEFEAYVEQKLISEEDLNSAVDHHHHHH
;
_entity_poly.pdbx_strand_id   A,B
#
# COMPACT_ATOMS: atom_id res chain seq x y z
N ASN A 5 12.97 20.07 -8.91
CA ASN A 5 13.31 19.17 -7.77
C ASN A 5 12.13 18.33 -7.27
N LEU A 6 12.26 17.01 -7.43
CA LEU A 6 11.12 16.10 -7.49
C LEU A 6 10.59 15.59 -6.15
N LEU A 7 9.29 15.27 -6.11
CA LEU A 7 8.70 14.66 -4.92
C LEU A 7 9.29 13.27 -4.72
N ARG A 8 9.54 12.93 -3.45
CA ARG A 8 10.29 11.75 -3.12
C ARG A 8 9.67 10.47 -3.67
N HIS A 9 8.35 10.35 -3.59
CA HIS A 9 7.72 9.15 -4.10
C HIS A 9 7.04 9.32 -5.44
N LEU A 10 6.22 10.37 -5.58
CA LEU A 10 5.49 10.59 -6.83
C LEU A 10 6.39 10.91 -8.02
N LYS A 11 7.59 11.44 -7.74
CA LYS A 11 8.57 11.76 -8.77
C LYS A 11 8.11 12.80 -9.79
N ILE A 12 7.24 13.70 -9.36
CA ILE A 12 6.87 14.88 -10.15
C ILE A 12 7.30 16.10 -9.35
N SER A 13 7.21 17.29 -9.93
CA SER A 13 7.67 18.49 -9.25
C SER A 13 6.48 19.30 -8.77
N LYS A 14 6.71 20.20 -7.82
CA LYS A 14 5.64 21.03 -7.26
C LYS A 14 4.80 21.74 -8.33
N GLU A 15 5.46 22.25 -9.37
CA GLU A 15 4.78 22.99 -10.43
C GLU A 15 3.87 22.10 -11.27
N GLN A 16 4.21 20.81 -11.35
CA GLN A 16 3.40 19.89 -12.11
C GLN A 16 2.08 19.56 -11.42
N ILE A 17 1.95 19.89 -10.14
CA ILE A 17 0.71 19.56 -9.43
C ILE A 17 -0.36 20.60 -9.68
N THR A 18 -1.46 20.15 -10.27
CA THR A 18 -2.63 20.98 -10.50
C THR A 18 -3.48 21.10 -9.24
N PRO A 19 -4.26 22.20 -9.12
CA PRO A 19 -5.19 22.36 -7.99
C PRO A 19 -6.11 21.17 -7.75
N VAL A 20 -6.68 20.58 -8.80
CA VAL A 20 -7.54 19.41 -8.63
C VAL A 20 -6.80 18.13 -9.00
N VAL A 21 -6.88 17.11 -8.14
CA VAL A 21 -6.31 15.80 -8.47
C VAL A 21 -7.36 14.70 -8.35
N LEU A 22 -7.42 13.82 -9.37
CA LEU A 22 -8.16 12.55 -9.27
C LEU A 22 -7.22 11.42 -8.85
N VAL A 23 -7.54 10.72 -7.77
CA VAL A 23 -6.68 9.62 -7.30
C VAL A 23 -7.36 8.26 -7.40
N VAL A 24 -6.58 7.27 -7.78
CA VAL A 24 -7.06 5.90 -7.99
C VAL A 24 -6.05 4.96 -7.36
N GLY A 25 -6.48 3.72 -7.08
CA GLY A 25 -5.59 2.71 -6.50
C GLY A 25 -4.71 2.03 -7.53
N ASP A 26 -5.35 1.41 -8.52
CA ASP A 26 -4.68 0.57 -9.52
C ASP A 26 -3.90 1.46 -10.52
N PRO A 27 -2.56 1.30 -10.62
CA PRO A 27 -1.82 2.09 -11.63
C PRO A 27 -2.34 1.83 -13.06
N GLY A 28 -2.87 0.63 -13.28
CA GLY A 28 -3.48 0.30 -14.55
C GLY A 28 -4.69 1.15 -14.87
N ARG A 29 -5.41 1.59 -13.84
CA ARG A 29 -6.58 2.45 -14.04
C ARG A 29 -6.25 3.86 -14.58
N VAL A 30 -5.08 4.38 -14.24
CA VAL A 30 -4.66 5.67 -14.75
C VAL A 30 -4.68 5.66 -16.27
N ASP A 31 -4.14 4.60 -16.86
CA ASP A 31 -4.05 4.49 -18.31
C ASP A 31 -5.41 4.33 -18.97
N LYS A 32 -6.35 3.66 -18.30
CA LYS A 32 -7.72 3.52 -18.81
C LYS A 32 -8.52 4.83 -18.71
N ILE A 33 -8.09 5.71 -17.81
CA ILE A 33 -8.81 6.97 -17.58
C ILE A 33 -8.35 8.03 -18.56
N LYS A 34 -7.04 8.11 -18.77
CA LYS A 34 -6.47 9.13 -19.63
C LYS A 34 -6.99 9.07 -21.07
N VAL A 35 -7.35 7.88 -21.54
CA VAL A 35 -7.81 7.75 -22.91
C VAL A 35 -9.28 8.10 -23.04
N VAL A 36 -9.98 8.16 -21.93
CA VAL A 36 -11.35 8.62 -21.93
C VAL A 36 -11.38 10.16 -21.93
N CYS A 37 -10.23 10.80 -21.72
CA CYS A 37 -10.12 12.27 -21.72
C CYS A 37 -9.99 12.84 -23.14
N ASP A 38 -9.92 14.17 -23.24
CA ASP A 38 -9.68 14.84 -24.53
C ASP A 38 -8.24 14.67 -24.98
N SER A 39 -7.30 14.91 -24.06
CA SER A 39 -5.90 14.58 -24.29
C SER A 39 -5.23 14.40 -22.92
N TYR A 40 -3.95 14.02 -22.91
CA TYR A 40 -3.23 13.81 -21.67
C TYR A 40 -1.74 13.97 -21.84
N VAL A 41 -1.00 14.02 -20.73
CA VAL A 41 0.45 14.00 -20.78
C VAL A 41 0.91 13.09 -19.65
N ASP A 42 1.67 12.05 -19.98
CA ASP A 42 2.37 11.25 -18.97
C ASP A 42 3.39 12.12 -18.23
N LEU A 43 3.43 12.00 -16.90
CA LEU A 43 4.36 12.78 -16.09
C LEU A 43 5.44 11.93 -15.45
N ALA A 44 5.05 10.80 -14.85
CA ALA A 44 5.98 9.90 -14.16
C ALA A 44 5.34 8.55 -13.81
N TYR A 45 6.18 7.56 -13.53
CA TYR A 45 5.73 6.29 -12.98
C TYR A 45 6.81 5.75 -12.06
N ASN A 46 6.58 5.86 -10.76
CA ASN A 46 7.53 5.36 -9.77
C ASN A 46 6.78 4.48 -8.78
N ARG A 47 7.36 3.33 -8.46
CA ARG A 47 6.68 2.31 -7.61
C ARG A 47 5.22 2.09 -8.03
N GLU A 48 4.28 2.22 -7.09
CA GLU A 48 2.86 2.10 -7.46
C GLU A 48 2.24 3.44 -7.89
N TYR A 49 3.04 4.51 -7.94
CA TYR A 49 2.53 5.83 -8.26
C TYR A 49 2.73 6.26 -9.72
N LYS A 50 1.66 6.18 -10.50
CA LYS A 50 1.69 6.64 -11.87
C LYS A 50 0.98 7.99 -11.95
N SER A 51 1.66 8.97 -12.54
CA SER A 51 1.14 10.32 -12.68
C SER A 51 0.89 10.75 -14.12
N VAL A 52 -0.30 11.29 -14.35
CA VAL A 52 -0.70 11.76 -15.68
C VAL A 52 -1.54 13.04 -15.59
N GLU A 53 -1.14 14.08 -16.32
CA GLU A 53 -1.98 15.27 -16.49
C GLU A 53 -3.12 15.03 -17.49
N CYS A 54 -4.35 15.16 -17.03
CA CYS A 54 -5.52 15.00 -17.87
C CYS A 54 -6.09 16.32 -18.39
N HIS A 55 -6.72 16.25 -19.56
CA HIS A 55 -7.39 17.41 -20.16
C HIS A 55 -8.80 16.98 -20.52
N TYR A 56 -9.77 17.56 -19.82
CA TYR A 56 -11.17 17.18 -20.02
C TYR A 56 -11.95 18.47 -19.95
N LYS A 57 -12.93 18.63 -20.85
CA LYS A 57 -13.76 19.83 -20.95
C LYS A 57 -13.00 21.17 -20.71
N GLY A 58 -11.90 21.39 -21.43
CA GLY A 58 -11.10 22.60 -21.30
C GLY A 58 -10.38 22.74 -19.96
N GLN A 59 -10.52 21.74 -19.12
CA GLN A 59 -9.90 21.77 -17.81
C GLN A 59 -8.67 20.90 -17.74
N LYS A 60 -7.80 21.19 -16.79
CA LYS A 60 -6.54 20.47 -16.65
C LYS A 60 -6.29 20.05 -15.18
N PHE A 61 -6.19 18.74 -14.96
CA PHE A 61 -5.97 18.16 -13.61
C PHE A 61 -5.21 16.85 -13.68
N LEU A 62 -4.45 16.55 -12.64
CA LEU A 62 -3.74 15.25 -12.58
C LEU A 62 -4.64 14.07 -12.25
N CYS A 63 -4.16 12.90 -12.64
CA CYS A 63 -4.69 11.63 -12.21
C CYS A 63 -3.49 10.86 -11.68
N VAL A 64 -3.60 10.29 -10.49
CA VAL A 64 -2.45 9.68 -9.85
C VAL A 64 -2.88 8.41 -9.15
N SER A 65 -2.08 7.34 -9.29
CA SER A 65 -2.37 6.09 -8.58
C SER A 65 -1.66 6.05 -7.23
N HIS A 66 -2.20 5.30 -6.28
CA HIS A 66 -1.60 5.20 -4.95
C HIS A 66 -1.46 3.78 -4.39
N GLY A 67 -1.76 2.76 -5.20
CA GLY A 67 -1.70 1.36 -4.75
C GLY A 67 -2.84 1.01 -3.80
N ILE A 68 -2.70 -0.11 -3.09
CA ILE A 68 -3.71 -0.51 -2.10
C ILE A 68 -3.23 -0.09 -0.73
N GLY A 69 -4.15 0.37 0.12
CA GLY A 69 -3.83 0.48 1.53
C GLY A 69 -3.47 1.86 2.05
N SER A 70 -3.90 2.12 3.27
CA SER A 70 -3.81 3.43 3.91
C SER A 70 -2.38 3.98 4.01
N ALA A 71 -1.42 3.17 4.42
CA ALA A 71 -0.04 3.69 4.56
C ALA A 71 0.57 4.10 3.22
N GLY A 72 0.28 3.32 2.19
CA GLY A 72 0.87 3.54 0.88
C GLY A 72 0.20 4.71 0.20
N CYS A 73 -1.09 4.90 0.48
CA CYS A 73 -1.80 5.96 -0.15
C CYS A 73 -1.58 7.28 0.61
N ALA A 74 -1.28 7.19 1.90
CA ALA A 74 -1.03 8.39 2.71
C ALA A 74 0.18 9.15 2.18
N ILE A 75 1.18 8.42 1.71
CA ILE A 75 2.41 8.99 1.15
C ILE A 75 2.08 9.80 -0.10
N CYS A 76 1.21 9.25 -0.95
CA CYS A 76 0.71 9.97 -2.09
C CYS A 76 -0.07 11.25 -1.67
N PHE A 77 -1.04 11.10 -0.79
CA PHE A 77 -1.86 12.25 -0.39
C PHE A 77 -1.05 13.34 0.27
N GLU A 78 -0.09 12.95 1.12
CA GLU A 78 0.74 13.93 1.81
C GLU A 78 1.63 14.70 0.82
N GLU A 79 2.22 14.00 -0.13
CA GLU A 79 3.07 14.65 -1.11
C GLU A 79 2.27 15.64 -1.97
N LEU A 80 1.04 15.26 -2.31
CA LEU A 80 0.12 16.13 -3.03
C LEU A 80 -0.32 17.35 -2.20
N CYS A 81 -0.68 17.14 -0.93
CA CYS A 81 -1.21 18.22 -0.11
C CYS A 81 -0.13 19.21 0.29
N GLN A 82 1.04 18.69 0.62
CA GLN A 82 2.18 19.52 0.95
C GLN A 82 2.71 20.35 -0.23
N ASN A 83 2.23 20.09 -1.46
CA ASN A 83 2.79 20.75 -2.62
C ASN A 83 1.75 21.32 -3.56
N GLY A 84 0.64 21.79 -2.99
CA GLY A 84 -0.26 22.63 -3.74
C GLY A 84 -1.62 22.12 -4.17
N ALA A 85 -1.96 20.87 -3.90
CA ALA A 85 -3.28 20.40 -4.31
C ALA A 85 -4.35 21.05 -3.44
N LYS A 86 -5.52 21.25 -4.02
CA LYS A 86 -6.58 21.97 -3.36
C LYS A 86 -7.81 21.08 -3.23
N VAL A 87 -8.02 20.25 -4.26
CA VAL A 87 -9.10 19.27 -4.25
C VAL A 87 -8.54 17.90 -4.63
N ILE A 88 -8.88 16.87 -3.86
CA ILE A 88 -8.51 15.51 -4.22
C ILE A 88 -9.72 14.62 -4.16
N ILE A 89 -10.07 14.02 -5.30
CA ILE A 89 -11.19 13.07 -5.36
C ILE A 89 -10.69 11.64 -5.54
N ARG A 90 -11.14 10.75 -4.69
CA ARG A 90 -10.82 9.33 -4.82
C ARG A 90 -11.87 8.63 -5.69
N ALA A 91 -11.44 7.92 -6.71
CA ALA A 91 -12.37 7.09 -7.47
C ALA A 91 -11.85 5.67 -7.39
N GLY A 92 -12.71 4.76 -6.96
CA GLY A 92 -12.29 3.37 -6.87
C GLY A 92 -13.42 2.41 -6.66
N SER A 93 -13.09 1.19 -6.27
CA SER A 93 -14.08 0.15 -6.07
C SER A 93 -14.23 -0.14 -4.59
N CYS A 94 -15.25 -0.93 -4.23
CA CYS A 94 -15.57 -1.22 -2.85
C CYS A 94 -16.52 -2.43 -2.73
N GLY A 95 -16.72 -2.90 -1.51
CA GLY A 95 -17.70 -3.96 -1.28
C GLY A 95 -18.97 -3.41 -0.64
N SER A 96 -20.07 -4.12 -0.81
CA SER A 96 -21.34 -3.70 -0.23
C SER A 96 -21.45 -4.19 1.21
N LEU A 97 -21.97 -3.34 2.09
CA LEU A 97 -22.30 -3.79 3.44
C LEU A 97 -23.81 -3.76 3.61
N GLN A 98 -24.52 -3.49 2.52
CA GLN A 98 -25.97 -3.52 2.52
C GLN A 98 -26.43 -4.34 1.33
N PRO A 99 -26.30 -5.68 1.43
CA PRO A 99 -26.43 -6.48 0.20
C PRO A 99 -27.88 -6.61 -0.32
N ASP A 100 -28.88 -6.33 0.52
CA ASP A 100 -30.25 -6.22 0.05
C ASP A 100 -30.50 -4.94 -0.74
N LEU A 101 -29.75 -3.88 -0.47
CA LEU A 101 -30.02 -2.60 -1.09
C LEU A 101 -28.94 -2.20 -2.11
N ILE A 102 -27.70 -2.49 -1.80
CA ILE A 102 -26.60 -2.01 -2.63
C ILE A 102 -25.93 -3.21 -3.24
N LYS A 103 -25.97 -3.26 -4.57
CA LYS A 103 -25.64 -4.50 -5.29
C LYS A 103 -24.46 -4.33 -6.19
N ARG A 104 -23.84 -5.44 -6.57
CA ARG A 104 -22.65 -5.40 -7.41
C ARG A 104 -22.92 -4.46 -8.60
N GLY A 105 -22.05 -3.47 -8.80
CA GLY A 105 -22.20 -2.56 -9.92
C GLY A 105 -22.77 -1.22 -9.55
N ASP A 106 -23.43 -1.13 -8.39
CA ASP A 106 -23.94 0.15 -7.93
C ASP A 106 -22.82 1.14 -7.58
N ILE A 107 -23.13 2.42 -7.72
CA ILE A 107 -22.18 3.47 -7.43
C ILE A 107 -22.54 4.19 -6.15
N CYS A 108 -21.55 4.34 -5.27
CA CYS A 108 -21.76 5.08 -4.04
C CYS A 108 -20.86 6.29 -3.92
N ILE A 109 -21.45 7.44 -3.63
CA ILE A 109 -20.69 8.67 -3.36
C ILE A 109 -20.73 8.93 -1.86
N CYS A 110 -19.56 8.86 -1.21
CA CYS A 110 -19.47 8.88 0.25
C CYS A 110 -19.11 10.23 0.86
N ASN A 111 -19.81 10.62 1.92
CA ASN A 111 -19.53 11.88 2.63
C ASN A 111 -18.53 11.74 3.79
N ALA A 112 -18.41 10.53 4.34
CA ALA A 112 -17.62 10.26 5.53
C ALA A 112 -17.13 8.80 5.57
N ALA A 113 -16.15 8.51 6.42
CA ALA A 113 -15.62 7.15 6.51
C ALA A 113 -15.27 6.71 7.93
N VAL A 114 -15.30 5.39 8.16
CA VAL A 114 -14.82 4.81 9.40
C VAL A 114 -13.30 4.67 9.32
N ARG A 115 -12.60 5.13 10.34
CA ARG A 115 -11.12 5.13 10.35
C ARG A 115 -10.51 3.82 10.85
N GLU A 116 -10.70 2.72 10.13
CA GLU A 116 -10.10 1.47 10.56
C GLU A 116 -8.70 1.28 9.98
N ASP A 117 -7.90 2.34 10.09
CA ASP A 117 -6.50 2.35 9.65
C ASP A 117 -5.59 2.64 10.84
N ARG A 118 -4.33 2.96 10.56
CA ARG A 118 -3.43 3.47 11.60
C ARG A 118 -2.87 4.89 11.31
N VAL A 119 -2.50 5.19 10.06
CA VAL A 119 -1.93 6.50 9.74
C VAL A 119 -2.76 7.62 10.32
N SER A 120 -4.05 7.63 10.03
CA SER A 120 -4.86 8.73 10.50
C SER A 120 -4.69 8.91 12.03
N HIS A 121 -4.57 7.79 12.74
CA HIS A 121 -4.41 7.83 14.20
C HIS A 121 -3.05 8.32 14.68
N LEU A 122 -2.02 8.15 13.86
CA LEU A 122 -0.70 8.67 14.19
C LEU A 122 -0.61 10.19 13.92
N LEU A 123 -1.62 10.73 13.23
CA LEU A 123 -1.77 12.13 12.85
C LEU A 123 -2.70 12.97 13.77
N ILE A 124 -3.89 12.46 14.15
CA ILE A 124 -4.70 13.06 15.25
C ILE A 124 -5.47 11.97 15.94
N HIS A 125 -5.97 12.32 17.11
CA HIS A 125 -6.80 11.47 17.92
C HIS A 125 -7.96 10.83 17.16
N GLY A 126 -8.34 9.62 17.59
CA GLY A 126 -9.33 8.82 16.90
C GLY A 126 -10.73 9.40 17.00
N ASP A 127 -10.98 10.21 18.03
CA ASP A 127 -12.26 10.89 18.16
C ASP A 127 -12.56 11.86 16.99
N PHE A 128 -11.52 12.21 16.21
CA PHE A 128 -11.67 13.13 15.06
C PHE A 128 -12.34 12.45 13.86
N PRO A 129 -13.33 13.10 13.24
CA PRO A 129 -14.08 12.50 12.15
C PRO A 129 -13.33 12.49 10.83
N ALA A 130 -13.44 11.38 10.10
CA ALA A 130 -13.06 11.35 8.68
C ALA A 130 -14.26 11.86 7.88
N VAL A 131 -14.24 13.14 7.48
CA VAL A 131 -15.30 13.70 6.62
C VAL A 131 -14.75 14.23 5.34
N GLY A 132 -15.60 14.22 4.31
CA GLY A 132 -15.26 14.83 3.04
C GLY A 132 -15.76 16.26 3.04
N ASP A 133 -15.34 17.03 2.04
CA ASP A 133 -15.80 18.40 1.87
C ASP A 133 -17.19 18.36 1.25
N PHE A 134 -18.13 19.19 1.68
CA PHE A 134 -19.45 19.03 1.11
C PHE A 134 -19.63 19.57 -0.31
N ASP A 135 -18.81 20.52 -0.73
CA ASP A 135 -18.82 20.96 -2.14
C ASP A 135 -18.45 19.82 -3.06
N VAL A 136 -17.35 19.13 -2.75
CA VAL A 136 -16.92 18.03 -3.57
C VAL A 136 -18.03 17.00 -3.69
N TYR A 137 -18.56 16.60 -2.54
CA TYR A 137 -19.70 15.72 -2.48
C TYR A 137 -20.87 16.21 -3.34
N ASP A 138 -21.23 17.49 -3.18
CA ASP A 138 -22.32 18.08 -3.92
C ASP A 138 -22.07 18.09 -5.42
N THR A 139 -20.85 18.45 -5.83
CA THR A 139 -20.45 18.44 -7.23
C THR A 139 -20.59 17.06 -7.83
N LEU A 140 -20.06 16.05 -7.13
CA LEU A 140 -20.18 14.67 -7.56
C LEU A 140 -21.63 14.25 -7.73
N ASN A 141 -22.48 14.63 -6.79
CA ASN A 141 -23.87 14.21 -6.86
C ASN A 141 -24.58 14.89 -8.00
N LYS A 142 -24.19 16.12 -8.29
CA LYS A 142 -24.83 16.91 -9.33
C LYS A 142 -24.48 16.42 -10.71
N CYS A 143 -23.21 16.02 -10.87
CA CYS A 143 -22.77 15.35 -12.09
C CYS A 143 -23.52 14.07 -12.33
N ALA A 144 -23.68 13.27 -11.28
CA ALA A 144 -24.48 12.05 -11.36
C ALA A 144 -25.90 12.35 -11.85
N GLN A 145 -26.46 13.51 -11.47
CA GLN A 145 -27.79 13.89 -11.92
C GLN A 145 -27.81 14.34 -13.38
N GLU A 146 -26.88 15.20 -13.77
CA GLU A 146 -26.74 15.61 -15.16
C GLU A 146 -26.53 14.43 -16.10
N LEU A 147 -25.75 13.44 -15.66
CA LEU A 147 -25.47 12.31 -16.53
C LEU A 147 -26.52 11.21 -16.40
N ASN A 148 -27.57 11.50 -15.65
CA ASN A 148 -28.67 10.57 -15.42
C ASN A 148 -28.26 9.17 -14.91
N VAL A 149 -27.28 9.15 -14.00
CA VAL A 149 -26.80 7.93 -13.34
C VAL A 149 -27.28 7.84 -11.89
N PRO A 150 -28.14 6.85 -11.59
CA PRO A 150 -28.57 6.67 -10.19
C PRO A 150 -27.38 6.25 -9.33
N VAL A 151 -27.42 6.61 -8.06
CA VAL A 151 -26.23 6.65 -7.23
C VAL A 151 -26.65 6.54 -5.79
N PHE A 152 -25.87 5.86 -4.96
CA PHE A 152 -26.14 5.83 -3.51
C PHE A 152 -25.26 6.83 -2.77
N ASN A 153 -25.72 7.28 -1.62
CA ASN A 153 -24.88 8.07 -0.71
C ASN A 153 -24.70 7.33 0.59
N GLY A 154 -23.59 7.55 1.27
CA GLY A 154 -23.40 6.90 2.56
C GLY A 154 -21.98 6.93 3.09
N ILE A 155 -21.75 6.15 4.13
CA ILE A 155 -20.51 6.12 4.86
C ILE A 155 -19.73 4.86 4.45
N SER A 156 -18.43 5.02 4.23
CA SER A 156 -17.60 3.88 3.90
C SER A 156 -16.80 3.43 5.11
N VAL A 157 -16.62 2.13 5.25
CA VAL A 157 -15.70 1.62 6.22
C VAL A 157 -14.37 1.52 5.49
N SER A 158 -13.35 2.21 5.98
CA SER A 158 -12.00 2.04 5.46
C SER A 158 -11.18 1.17 6.38
N SER A 159 -10.98 -0.09 5.99
CA SER A 159 -10.36 -1.06 6.87
C SER A 159 -9.06 -1.51 6.25
N ASP A 160 -8.04 -1.66 7.09
CA ASP A 160 -6.74 -2.12 6.65
C ASP A 160 -6.72 -3.62 6.44
N MET A 161 -7.81 -4.30 6.83
CA MET A 161 -7.84 -5.74 6.73
C MET A 161 -8.75 -6.22 5.63
N PHE A 162 -8.17 -6.77 4.58
CA PHE A 162 -8.95 -7.36 3.53
C PHE A 162 -9.33 -8.81 3.87
N TYR A 163 -8.34 -9.58 4.31
CA TYR A 163 -8.48 -11.00 4.63
C TYR A 163 -8.58 -11.22 6.13
N PRO A 164 -9.80 -11.35 6.66
CA PRO A 164 -9.99 -11.50 8.12
C PRO A 164 -9.58 -12.89 8.59
N ASN A 165 -9.44 -13.04 9.89
CA ASN A 165 -9.10 -14.31 10.50
C ASN A 165 -10.19 -14.79 11.45
N LYS A 166 -9.92 -15.90 12.12
CA LYS A 166 -10.94 -16.51 12.95
C LYS A 166 -10.75 -16.23 14.43
N ILE A 167 -9.79 -15.37 14.78
CA ILE A 167 -9.51 -15.05 16.17
C ILE A 167 -10.16 -13.76 16.63
N ILE A 168 -9.84 -12.63 15.99
CA ILE A 168 -10.50 -11.37 16.34
C ILE A 168 -11.62 -11.18 15.32
N PRO A 169 -12.86 -11.08 15.80
CA PRO A 169 -13.96 -10.94 14.83
C PRO A 169 -13.86 -9.61 14.05
N SER A 170 -14.10 -9.66 12.75
CA SER A 170 -14.17 -8.43 11.96
C SER A 170 -15.30 -7.53 12.46
N ARG A 171 -15.21 -6.23 12.22
CA ARG A 171 -16.24 -5.29 12.64
C ARG A 171 -17.22 -4.88 11.54
N LEU A 172 -17.11 -5.48 10.36
CA LEU A 172 -18.02 -5.17 9.25
C LEU A 172 -19.50 -5.38 9.62
N GLU A 173 -19.81 -6.49 10.26
CA GLU A 173 -21.15 -6.78 10.70
C GLU A 173 -21.65 -5.60 11.55
N ASP A 174 -20.84 -5.20 12.52
CA ASP A 174 -21.14 -4.04 13.37
C ASP A 174 -21.46 -2.80 12.55
N TYR A 175 -20.57 -2.44 11.62
CA TYR A 175 -20.73 -1.19 10.89
C TYR A 175 -21.89 -1.18 9.91
N SER A 176 -22.15 -2.34 9.31
CA SER A 176 -23.38 -2.61 8.59
C SER A 176 -24.62 -2.28 9.45
N LYS A 177 -24.75 -2.86 10.64
CA LYS A 177 -25.86 -2.52 11.52
C LYS A 177 -25.89 -1.03 11.85
N ALA A 178 -24.73 -0.37 11.81
CA ALA A 178 -24.64 1.06 12.10
C ALA A 178 -24.92 1.92 10.87
N ASN A 179 -25.31 1.26 9.77
CA ASN A 179 -25.68 1.89 8.50
C ASN A 179 -24.58 2.38 7.62
N ALA A 180 -23.36 1.91 7.86
CA ALA A 180 -22.29 2.14 6.90
C ALA A 180 -22.68 1.44 5.59
N ALA A 181 -22.53 2.13 4.47
CA ALA A 181 -23.01 1.61 3.18
C ALA A 181 -22.12 0.54 2.58
N VAL A 182 -20.82 0.72 2.74
CA VAL A 182 -19.87 0.25 1.75
C VAL A 182 -18.51 0.08 2.42
N VAL A 183 -17.62 -0.74 1.86
CA VAL A 183 -16.31 -0.96 2.49
C VAL A 183 -15.18 -0.94 1.49
N GLU A 184 -14.11 -0.21 1.82
CA GLU A 184 -12.87 -0.23 1.04
C GLU A 184 -11.67 0.08 1.94
N MET A 185 -10.58 0.59 1.37
CA MET A 185 -9.33 0.66 2.12
C MET A 185 -8.57 2.00 2.15
N GLU A 186 -9.14 3.08 1.62
CA GLU A 186 -8.33 4.29 1.47
C GLU A 186 -9.02 5.60 1.88
N LEU A 187 -10.35 5.61 1.85
CA LEU A 187 -11.09 6.86 1.92
C LEU A 187 -10.88 7.65 3.23
N ALA A 188 -10.95 6.97 4.36
CA ALA A 188 -10.74 7.59 5.67
C ALA A 188 -9.42 8.33 5.73
N THR A 189 -8.36 7.69 5.24
CA THR A 189 -7.05 8.30 5.26
C THR A 189 -7.00 9.56 4.41
N LEU A 190 -7.59 9.51 3.22
CA LEU A 190 -7.67 10.67 2.36
C LEU A 190 -8.33 11.83 3.08
N MET A 191 -9.50 11.55 3.67
CA MET A 191 -10.32 12.57 4.33
C MET A 191 -9.60 13.26 5.48
N VAL A 192 -9.00 12.47 6.37
CA VAL A 192 -8.28 13.04 7.51
C VAL A 192 -7.07 13.85 7.04
N ILE A 193 -6.29 13.31 6.13
CA ILE A 193 -5.16 14.08 5.61
C ILE A 193 -5.63 15.37 4.94
N GLY A 194 -6.72 15.31 4.20
CA GLY A 194 -7.31 16.49 3.58
C GLY A 194 -7.70 17.53 4.62
N THR A 195 -8.38 17.10 5.68
CA THR A 195 -8.80 18.02 6.72
C THR A 195 -7.61 18.68 7.40
N LEU A 196 -6.61 17.90 7.79
CA LEU A 196 -5.43 18.48 8.45
C LEU A 196 -4.61 19.45 7.60
N ARG A 197 -4.63 19.29 6.28
CA ARG A 197 -3.79 20.12 5.41
C ARG A 197 -4.63 21.09 4.58
N LYS A 198 -5.90 21.26 4.95
CA LYS A 198 -6.82 22.22 4.29
C LYS A 198 -7.05 21.93 2.82
N VAL A 199 -7.27 20.67 2.49
CA VAL A 199 -7.54 20.25 1.12
C VAL A 199 -8.92 19.64 1.08
N LYS A 200 -9.72 20.03 0.11
CA LYS A 200 -11.09 19.53 0.00
C LYS A 200 -11.06 18.14 -0.62
N THR A 201 -11.73 17.16 0.00
CA THR A 201 -11.68 15.79 -0.52
C THR A 201 -13.06 15.20 -0.74
N GLY A 202 -13.11 14.15 -1.56
CA GLY A 202 -14.36 13.42 -1.75
C GLY A 202 -14.04 12.08 -2.36
N GLY A 203 -15.02 11.19 -2.41
CA GLY A 203 -14.81 9.86 -2.96
C GLY A 203 -16.04 9.34 -3.68
N ILE A 204 -15.79 8.57 -4.74
CA ILE A 204 -16.86 7.90 -5.48
C ILE A 204 -16.43 6.47 -5.76
N LEU A 205 -17.33 5.53 -5.50
CA LEU A 205 -16.99 4.12 -5.48
C LEU A 205 -17.97 3.25 -6.26
N ILE A 206 -17.45 2.25 -6.96
CA ILE A 206 -18.30 1.27 -7.58
C ILE A 206 -18.18 -0.07 -6.86
N VAL A 207 -19.33 -0.67 -6.56
CA VAL A 207 -19.35 -1.93 -5.84
C VAL A 207 -18.90 -3.09 -6.72
N ASP A 208 -17.81 -3.75 -6.35
CA ASP A 208 -17.30 -4.87 -7.12
C ASP A 208 -17.53 -6.21 -6.44
N GLY A 209 -18.08 -6.20 -5.23
CA GLY A 209 -18.19 -7.43 -4.46
C GLY A 209 -19.06 -7.34 -3.22
N CYS A 210 -19.34 -8.50 -2.61
CA CYS A 210 -20.17 -8.58 -1.43
C CYS A 210 -19.48 -9.44 -0.37
N PRO A 211 -18.72 -8.83 0.56
CA PRO A 211 -17.97 -9.62 1.53
C PRO A 211 -18.80 -10.35 2.60
N PHE A 212 -20.12 -10.22 2.57
CA PHE A 212 -20.98 -11.10 3.37
C PHE A 212 -21.41 -12.41 2.64
N LYS A 213 -21.62 -12.30 1.31
CA LYS A 213 -22.20 -13.35 0.44
C LYS A 213 -23.66 -13.59 0.76
N LEU A 223 -16.18 -6.17 -12.42
CA LEU A 223 -16.68 -4.80 -12.64
C LEU A 223 -17.63 -4.72 -13.85
N VAL A 224 -18.86 -4.28 -13.62
CA VAL A 224 -19.85 -4.10 -14.71
C VAL A 224 -19.43 -2.91 -15.61
N PRO A 225 -19.06 -3.20 -16.87
CA PRO A 225 -18.38 -2.23 -17.76
C PRO A 225 -19.09 -0.89 -17.96
N HIS A 226 -20.40 -0.90 -18.21
CA HIS A 226 -21.10 0.37 -18.42
C HIS A 226 -21.20 1.18 -17.11
N GLN A 227 -21.30 0.49 -15.99
CA GLN A 227 -21.34 1.17 -14.69
C GLN A 227 -19.98 1.80 -14.35
N LEU A 228 -18.90 1.07 -14.63
CA LEU A 228 -17.57 1.62 -14.44
C LEU A 228 -17.36 2.84 -15.34
N GLU A 229 -17.78 2.74 -16.59
CA GLU A 229 -17.68 3.87 -17.52
C GLU A 229 -18.41 5.09 -16.98
N ASN A 230 -19.63 4.87 -16.47
CA ASN A 230 -20.44 5.90 -15.82
C ASN A 230 -19.75 6.57 -14.62
N MET A 231 -19.17 5.75 -13.75
CA MET A 231 -18.50 6.27 -12.58
C MET A 231 -17.29 7.13 -12.95
N ILE A 232 -16.54 6.71 -13.96
CA ILE A 232 -15.40 7.49 -14.41
C ILE A 232 -15.89 8.80 -15.02
N LYS A 233 -16.98 8.73 -15.78
CA LYS A 233 -17.57 9.93 -16.34
C LYS A 233 -17.92 10.94 -15.24
N ILE A 234 -18.68 10.51 -14.23
CA ILE A 234 -18.99 11.35 -13.06
C ILE A 234 -17.74 11.95 -12.37
N ALA A 235 -16.73 11.11 -12.16
CA ALA A 235 -15.52 11.56 -11.50
C ALA A 235 -14.82 12.64 -12.32
N LEU A 236 -14.70 12.39 -13.62
CA LEU A 236 -14.01 13.34 -14.50
C LEU A 236 -14.82 14.63 -14.64
N GLY A 237 -16.16 14.48 -14.68
CA GLY A 237 -17.06 15.61 -14.73
C GLY A 237 -16.87 16.50 -13.52
N ALA A 238 -16.84 15.91 -12.34
CA ALA A 238 -16.67 16.66 -11.10
C ALA A 238 -15.32 17.37 -11.06
N CYS A 239 -14.27 16.67 -11.52
CA CYS A 239 -12.95 17.26 -11.49
C CYS A 239 -12.88 18.50 -12.36
N ALA A 240 -13.46 18.40 -13.55
CA ALA A 240 -13.52 19.55 -14.45
C ALA A 240 -14.29 20.70 -13.81
N LYS A 241 -15.51 20.44 -13.32
CA LYS A 241 -16.32 21.48 -12.67
C LYS A 241 -15.57 22.17 -11.54
N LEU A 242 -14.77 21.40 -10.80
CA LEU A 242 -14.04 21.92 -9.67
C LEU A 242 -12.77 22.64 -10.06
N ALA A 243 -12.13 22.20 -11.15
CA ALA A 243 -10.91 22.84 -11.65
C ALA A 243 -11.22 24.23 -12.16
N THR A 244 -12.44 24.37 -12.70
CA THR A 244 -12.96 25.63 -13.21
C THR A 244 -12.75 26.77 -12.22
N LYS A 245 -13.05 26.58 -10.94
CA LYS A 245 -12.88 27.67 -9.99
C LYS A 245 -11.45 27.94 -9.53
N TYR A 246 -10.44 27.52 -10.30
CA TYR A 246 -9.06 27.86 -9.97
C TYR A 246 -8.34 28.50 -11.18
N ALA A 247 -9.13 29.21 -12.02
CA ALA A 247 -8.67 29.84 -13.30
C ALA A 247 -7.95 28.83 -14.17
N ASN B 5 -6.60 -21.37 -12.16
CA ASN B 5 -7.39 -20.83 -11.00
C ASN B 5 -6.60 -19.82 -10.12
N LEU B 6 -6.98 -18.55 -10.19
CA LEU B 6 -6.05 -17.47 -9.83
C LEU B 6 -6.32 -16.75 -8.51
N LEU B 7 -5.26 -16.44 -7.77
CA LEU B 7 -5.31 -15.61 -6.55
C LEU B 7 -5.81 -14.18 -6.84
N ARG B 8 -6.71 -13.68 -5.99
CA ARG B 8 -7.46 -12.45 -6.27
C ARG B 8 -6.58 -11.23 -6.61
N HIS B 9 -5.50 -11.03 -5.88
CA HIS B 9 -4.66 -9.88 -6.16
C HIS B 9 -3.37 -10.20 -6.89
N LEU B 10 -2.73 -11.29 -6.49
CA LEU B 10 -1.45 -11.66 -7.10
C LEU B 10 -1.64 -12.21 -8.52
N LYS B 11 -2.80 -12.83 -8.77
CA LYS B 11 -3.17 -13.34 -10.09
C LYS B 11 -2.22 -14.45 -10.55
N ILE B 12 -1.73 -15.24 -9.59
CA ILE B 12 -0.99 -16.44 -9.90
C ILE B 12 -1.76 -17.58 -9.30
N SER B 13 -1.36 -18.79 -9.63
CA SER B 13 -2.10 -19.96 -9.16
C SER B 13 -1.40 -20.58 -7.98
N LYS B 14 -2.18 -21.29 -7.16
CA LYS B 14 -1.66 -22.10 -6.05
C LYS B 14 -0.36 -22.86 -6.43
N GLU B 15 -0.39 -23.57 -7.56
CA GLU B 15 0.72 -24.42 -7.99
C GLU B 15 1.90 -23.63 -8.51
N GLN B 16 1.74 -22.33 -8.68
CA GLN B 16 2.89 -21.51 -9.06
C GLN B 16 3.68 -21.00 -7.84
N ILE B 17 3.08 -21.10 -6.65
CA ILE B 17 3.72 -20.65 -5.43
C ILE B 17 4.76 -21.66 -4.94
N THR B 18 6.01 -21.22 -4.86
CA THR B 18 7.08 -22.05 -4.37
C THR B 18 7.07 -22.04 -2.83
N PRO B 19 7.72 -23.02 -2.17
CA PRO B 19 7.93 -22.99 -0.69
C PRO B 19 8.60 -21.72 -0.16
N VAL B 20 9.59 -21.21 -0.86
CA VAL B 20 10.33 -20.02 -0.42
C VAL B 20 9.96 -18.84 -1.32
N VAL B 21 9.73 -17.68 -0.73
CA VAL B 21 9.40 -16.48 -1.49
C VAL B 21 10.18 -15.29 -0.95
N LEU B 22 10.84 -14.57 -1.85
CA LEU B 22 11.49 -13.32 -1.49
C LEU B 22 10.50 -12.21 -1.81
N VAL B 23 10.19 -11.36 -0.85
CA VAL B 23 9.28 -10.25 -1.12
C VAL B 23 9.96 -8.90 -1.08
N VAL B 24 9.39 -7.96 -1.81
CA VAL B 24 10.08 -6.73 -2.13
C VAL B 24 9.03 -5.60 -2.24
N GLY B 25 9.41 -4.36 -1.91
CA GLY B 25 8.47 -3.24 -1.98
C GLY B 25 8.18 -2.77 -3.41
N ASP B 26 9.19 -2.18 -4.03
CA ASP B 26 9.09 -1.57 -5.35
C ASP B 26 8.94 -2.63 -6.45
N PRO B 27 7.86 -2.57 -7.25
CA PRO B 27 7.73 -3.54 -8.37
C PRO B 27 8.91 -3.48 -9.32
N GLY B 28 9.53 -2.30 -9.42
CA GLY B 28 10.70 -2.10 -10.24
C GLY B 28 11.82 -3.00 -9.79
N ARG B 29 11.90 -3.23 -8.48
CA ARG B 29 12.98 -4.03 -7.90
C ARG B 29 12.93 -5.52 -8.32
N VAL B 30 11.72 -6.05 -8.55
CA VAL B 30 11.59 -7.40 -9.07
C VAL B 30 12.37 -7.55 -10.38
N ASP B 31 12.17 -6.63 -11.32
CA ASP B 31 12.90 -6.60 -12.60
C ASP B 31 14.43 -6.54 -12.44
N LYS B 32 14.93 -5.79 -11.46
CA LYS B 32 16.35 -5.68 -11.29
C LYS B 32 16.95 -6.87 -10.55
N ILE B 33 16.11 -7.71 -9.97
CA ILE B 33 16.58 -8.85 -9.19
C ILE B 33 16.66 -10.10 -10.06
N LYS B 34 15.61 -10.29 -10.88
CA LYS B 34 15.49 -11.47 -11.74
C LYS B 34 16.61 -11.52 -12.77
N VAL B 35 17.17 -10.36 -13.05
CA VAL B 35 18.17 -10.21 -14.08
C VAL B 35 19.56 -10.66 -13.59
N VAL B 36 19.70 -10.87 -12.28
CA VAL B 36 20.98 -11.36 -11.75
C VAL B 36 20.89 -12.81 -11.26
N CYS B 37 19.75 -13.45 -11.51
CA CYS B 37 19.60 -14.88 -11.28
C CYS B 37 20.09 -15.64 -12.51
N ASP B 38 20.16 -16.96 -12.40
CA ASP B 38 20.56 -17.81 -13.54
C ASP B 38 19.52 -17.74 -14.67
N SER B 39 18.24 -17.78 -14.31
CA SER B 39 17.16 -17.51 -15.25
C SER B 39 15.88 -17.16 -14.44
N TYR B 40 14.78 -16.84 -15.13
CA TYR B 40 13.54 -16.49 -14.46
C TYR B 40 12.31 -16.78 -15.31
N VAL B 41 11.15 -16.80 -14.66
CA VAL B 41 9.90 -16.98 -15.38
C VAL B 41 8.87 -15.96 -14.87
N ASP B 42 8.60 -14.94 -15.68
CA ASP B 42 7.59 -13.95 -15.35
C ASP B 42 6.27 -14.65 -15.21
N LEU B 43 5.51 -14.30 -14.18
CA LEU B 43 4.28 -15.01 -13.89
C LEU B 43 3.10 -14.12 -14.06
N ALA B 44 3.15 -12.94 -13.45
CA ALA B 44 2.04 -11.99 -13.44
C ALA B 44 2.46 -10.61 -13.01
N TYR B 45 1.63 -9.63 -13.34
CA TYR B 45 1.79 -8.25 -12.90
C TYR B 45 0.41 -7.64 -12.78
N ASN B 46 -0.10 -7.57 -11.56
CA ASN B 46 -1.38 -6.95 -11.32
C ASN B 46 -1.22 -5.93 -10.23
N ARG B 47 -1.78 -4.75 -10.47
CA ARG B 47 -1.61 -3.61 -9.57
C ARG B 47 -0.13 -3.43 -9.20
N GLU B 48 0.19 -3.42 -7.91
CA GLU B 48 1.58 -3.25 -7.49
C GLU B 48 2.28 -4.60 -7.28
N TYR B 49 1.56 -5.69 -7.56
CA TYR B 49 2.08 -7.02 -7.31
C TYR B 49 2.71 -7.69 -8.53
N LYS B 50 4.04 -7.68 -8.60
CA LYS B 50 4.72 -8.33 -9.71
C LYS B 50 5.33 -9.64 -9.25
N SER B 51 4.93 -10.73 -9.91
CA SER B 51 5.40 -12.06 -9.55
C SER B 51 6.31 -12.66 -10.58
N VAL B 52 7.51 -13.00 -10.13
CA VAL B 52 8.50 -13.65 -10.97
C VAL B 52 9.12 -14.87 -10.26
N GLU B 53 9.24 -15.98 -10.97
CA GLU B 53 9.88 -17.17 -10.44
C GLU B 53 11.38 -17.10 -10.74
N CYS B 54 12.22 -17.25 -9.72
CA CYS B 54 13.67 -17.15 -9.88
C CYS B 54 14.33 -18.50 -9.83
N HIS B 55 15.41 -18.63 -10.59
CA HIS B 55 16.24 -19.82 -10.57
C HIS B 55 17.65 -19.37 -10.25
N TYR B 56 18.12 -19.80 -9.09
CA TYR B 56 19.41 -19.33 -8.62
C TYR B 56 20.04 -20.45 -7.80
N LYS B 57 21.35 -20.63 -8.00
CA LYS B 57 22.14 -21.72 -7.40
C LYS B 57 21.43 -23.10 -7.38
N GLY B 58 20.79 -23.45 -8.49
CA GLY B 58 20.13 -24.75 -8.59
C GLY B 58 18.78 -24.80 -7.92
N GLN B 59 18.41 -23.73 -7.23
CA GLN B 59 17.12 -23.67 -6.56
C GLN B 59 16.13 -22.80 -7.29
N LYS B 60 14.84 -22.98 -6.98
CA LYS B 60 13.82 -22.07 -7.48
C LYS B 60 12.91 -21.46 -6.38
N PHE B 61 12.68 -20.15 -6.45
CA PHE B 61 11.78 -19.46 -5.53
C PHE B 61 11.10 -18.27 -6.18
N LEU B 62 9.88 -17.96 -5.76
CA LEU B 62 9.24 -16.72 -6.19
C LEU B 62 9.95 -15.49 -5.64
N CYS B 63 9.84 -14.42 -6.42
CA CYS B 63 10.13 -13.09 -5.94
C CYS B 63 8.89 -12.24 -6.24
N VAL B 64 8.30 -11.63 -5.22
CA VAL B 64 7.03 -10.92 -5.39
C VAL B 64 7.09 -9.53 -4.77
N SER B 65 6.48 -8.55 -5.43
CA SER B 65 6.41 -7.19 -4.91
C SER B 65 5.05 -6.91 -4.27
N HIS B 66 5.01 -5.98 -3.32
CA HIS B 66 3.76 -5.70 -2.61
C HIS B 66 3.46 -4.20 -2.44
N GLY B 67 4.35 -3.35 -2.93
CA GLY B 67 4.17 -1.93 -2.80
C GLY B 67 4.61 -1.42 -1.45
N ILE B 68 4.26 -0.18 -1.16
CA ILE B 68 4.50 0.37 0.15
C ILE B 68 3.27 0.16 1.00
N GLY B 69 3.47 -0.30 2.24
CA GLY B 69 2.44 -0.15 3.23
C GLY B 69 1.85 -1.44 3.72
N SER B 70 1.56 -1.47 5.01
CA SER B 70 1.14 -2.67 5.70
C SER B 70 -0.14 -3.25 5.15
N ALA B 71 -1.13 -2.40 4.87
CA ALA B 71 -2.41 -2.92 4.40
C ALA B 71 -2.26 -3.59 3.04
N GLY B 72 -1.40 -3.04 2.20
CA GLY B 72 -1.26 -3.55 0.86
C GLY B 72 -0.37 -4.76 0.82
N CYS B 73 0.63 -4.79 1.67
CA CYS B 73 1.53 -5.94 1.70
C CYS B 73 0.87 -7.12 2.43
N ALA B 74 -0.01 -6.84 3.40
CA ALA B 74 -0.80 -7.89 4.04
C ALA B 74 -1.55 -8.74 3.01
N ILE B 75 -2.17 -8.11 2.02
CA ILE B 75 -2.92 -8.82 0.99
C ILE B 75 -1.99 -9.79 0.28
N CYS B 76 -0.78 -9.33 0.01
CA CYS B 76 0.21 -10.14 -0.63
C CYS B 76 0.55 -11.34 0.25
N PHE B 77 0.87 -11.06 1.52
CA PHE B 77 1.35 -12.11 2.41
C PHE B 77 0.27 -13.13 2.69
N GLU B 78 -0.97 -12.67 2.77
CA GLU B 78 -2.08 -13.58 3.06
C GLU B 78 -2.31 -14.53 1.90
N GLU B 79 -2.30 -13.99 0.69
CA GLU B 79 -2.42 -14.81 -0.49
C GLU B 79 -1.26 -15.81 -0.62
N LEU B 80 -0.05 -15.41 -0.24
CA LEU B 80 1.06 -16.36 -0.22
C LEU B 80 0.93 -17.44 0.84
N CYS B 81 0.58 -17.04 2.07
CA CYS B 81 0.52 -17.97 3.19
C CYS B 81 -0.63 -18.94 3.11
N GLN B 82 -1.77 -18.46 2.62
CA GLN B 82 -2.93 -19.32 2.49
C GLN B 82 -2.83 -20.27 1.28
N ASN B 83 -1.71 -20.24 0.59
CA ASN B 83 -1.58 -21.02 -0.63
C ASN B 83 -0.24 -21.71 -0.79
N GLY B 84 0.37 -22.08 0.33
CA GLY B 84 1.48 -23.00 0.30
C GLY B 84 2.86 -22.46 0.52
N ALA B 85 3.01 -21.15 0.65
CA ALA B 85 4.33 -20.59 1.00
C ALA B 85 4.74 -21.07 2.40
N LYS B 86 6.03 -21.32 2.55
CA LYS B 86 6.54 -21.89 3.79
C LYS B 86 7.59 -20.95 4.38
N VAL B 87 8.29 -20.23 3.52
CA VAL B 87 9.25 -19.23 3.97
C VAL B 87 9.08 -17.95 3.19
N ILE B 88 8.97 -16.82 3.87
CA ILE B 88 8.91 -15.52 3.20
C ILE B 88 9.97 -14.60 3.77
N ILE B 89 10.91 -14.16 2.94
CA ILE B 89 11.94 -13.20 3.37
C ILE B 89 11.72 -11.81 2.76
N ARG B 90 11.64 -10.80 3.62
CA ARG B 90 11.49 -9.44 3.14
C ARG B 90 12.86 -8.84 2.89
N ALA B 91 13.08 -8.37 1.65
CA ALA B 91 14.26 -7.53 1.33
C ALA B 91 13.85 -6.10 0.96
N GLY B 92 14.34 -5.11 1.70
CA GLY B 92 13.94 -3.72 1.40
C GLY B 92 14.83 -2.66 1.99
N SER B 93 14.37 -1.42 1.97
CA SER B 93 15.16 -0.34 2.57
C SER B 93 14.52 0.18 3.85
N CYS B 94 15.27 1.01 4.59
CA CYS B 94 14.80 1.54 5.84
C CYS B 94 15.56 2.81 6.21
N GLY B 95 15.08 3.53 7.21
CA GLY B 95 15.83 4.63 7.78
C GLY B 95 16.51 4.16 9.05
N SER B 96 17.47 4.93 9.54
CA SER B 96 18.24 4.54 10.69
C SER B 96 17.76 5.24 11.94
N LEU B 97 17.63 4.51 13.05
CA LEU B 97 17.25 5.13 14.32
C LEU B 97 18.43 5.26 15.29
N GLN B 98 19.61 4.92 14.81
CA GLN B 98 20.83 5.08 15.59
C GLN B 98 21.86 5.72 14.66
N PRO B 99 21.73 7.04 14.39
CA PRO B 99 22.49 7.61 13.28
C PRO B 99 24.02 7.67 13.53
N ASP B 100 24.43 7.64 14.80
CA ASP B 100 25.84 7.50 15.18
C ASP B 100 26.46 6.17 14.80
N LEU B 101 25.66 5.12 14.69
CA LEU B 101 26.20 3.80 14.55
C LEU B 101 25.82 3.17 13.20
N ILE B 102 24.57 3.36 12.81
CA ILE B 102 24.02 2.70 11.64
C ILE B 102 23.88 3.79 10.59
N LYS B 103 24.66 3.67 9.53
CA LYS B 103 24.82 4.77 8.58
C LYS B 103 24.23 4.46 7.23
N ARG B 104 24.07 5.49 6.41
CA ARG B 104 23.48 5.32 5.10
C ARG B 104 24.27 4.22 4.39
N GLY B 105 23.55 3.27 3.81
CA GLY B 105 24.19 2.19 3.06
C GLY B 105 24.43 0.95 3.88
N ASP B 106 24.34 1.06 5.20
CA ASP B 106 24.52 -0.09 6.09
C ASP B 106 23.39 -1.11 5.96
N ILE B 107 23.69 -2.36 6.27
CA ILE B 107 22.73 -3.42 6.11
C ILE B 107 22.29 -3.94 7.46
N CYS B 108 20.98 -4.08 7.64
CA CYS B 108 20.48 -4.57 8.88
C CYS B 108 19.64 -5.84 8.71
N ILE B 109 19.97 -6.89 9.46
CA ILE B 109 19.16 -8.12 9.45
C ILE B 109 18.35 -8.15 10.74
N CYS B 110 17.03 -8.17 10.61
CA CYS B 110 16.11 -7.98 11.73
C CYS B 110 15.41 -9.24 12.18
N ASN B 111 15.20 -9.34 13.49
CA ASN B 111 14.60 -10.53 14.07
C ASN B 111 13.19 -10.26 14.64
N ALA B 112 12.88 -8.99 14.88
CA ALA B 112 11.59 -8.58 15.44
C ALA B 112 11.26 -7.14 15.04
N ALA B 113 10.02 -6.73 15.28
CA ALA B 113 9.57 -5.42 14.84
C ALA B 113 8.53 -4.82 15.76
N VAL B 114 8.41 -3.49 15.74
CA VAL B 114 7.38 -2.76 16.45
C VAL B 114 6.12 -2.72 15.57
N ARG B 115 4.99 -3.14 16.13
CA ARG B 115 3.74 -3.27 15.36
C ARG B 115 3.00 -1.95 15.31
N GLU B 116 3.54 -0.97 14.60
CA GLU B 116 2.89 0.31 14.50
C GLU B 116 2.07 0.36 13.22
N ASP B 117 1.26 -0.68 13.02
CA ASP B 117 0.30 -0.78 11.91
C ASP B 117 -1.13 -0.90 12.44
N ARG B 118 -2.05 -1.35 11.59
CA ARG B 118 -3.39 -1.67 12.02
C ARG B 118 -3.75 -3.13 11.70
N VAL B 119 -3.33 -3.65 10.54
CA VAL B 119 -3.72 -5.00 10.14
C VAL B 119 -3.40 -6.00 11.21
N SER B 120 -2.18 -5.92 11.75
CA SER B 120 -1.74 -6.97 12.66
C SER B 120 -2.68 -6.99 13.86
N HIS B 121 -3.17 -5.79 14.24
CA HIS B 121 -4.02 -5.61 15.42
C HIS B 121 -5.44 -6.10 15.18
N LEU B 122 -5.88 -6.06 13.93
CA LEU B 122 -7.16 -6.61 13.50
C LEU B 122 -7.10 -8.16 13.38
N LEU B 123 -5.89 -8.71 13.37
CA LEU B 123 -5.64 -10.14 13.30
C LEU B 123 -5.38 -10.73 14.69
N ILE B 124 -4.69 -9.99 15.55
CA ILE B 124 -4.36 -10.50 16.87
C ILE B 124 -4.08 -9.37 17.85
N HIS B 125 -4.40 -9.61 19.12
CA HIS B 125 -4.27 -8.61 20.17
C HIS B 125 -2.88 -8.03 20.15
N GLY B 126 -2.78 -6.73 20.42
CA GLY B 126 -1.52 -5.99 20.39
C GLY B 126 -0.38 -6.50 21.28
N ASP B 127 -0.68 -7.29 22.31
CA ASP B 127 0.37 -7.81 23.21
C ASP B 127 1.23 -8.87 22.52
N PHE B 128 0.74 -9.40 21.39
CA PHE B 128 1.42 -10.45 20.64
C PHE B 128 2.66 -9.91 19.99
N PRO B 129 3.78 -10.64 20.07
CA PRO B 129 5.02 -10.15 19.45
C PRO B 129 5.08 -10.29 17.93
N ALA B 130 5.64 -9.28 17.26
CA ALA B 130 6.04 -9.40 15.86
C ALA B 130 7.48 -9.85 15.85
N VAL B 131 7.71 -11.12 15.53
CA VAL B 131 9.03 -11.72 15.67
C VAL B 131 9.27 -12.69 14.51
N GLY B 132 10.51 -12.79 14.06
CA GLY B 132 10.83 -13.64 12.94
C GLY B 132 11.24 -15.03 13.34
N ASP B 133 11.29 -15.91 12.37
CA ASP B 133 11.84 -17.22 12.53
C ASP B 133 13.35 -17.17 12.67
N PHE B 134 13.90 -17.94 13.62
CA PHE B 134 15.34 -18.00 13.88
C PHE B 134 16.15 -18.61 12.74
N ASP B 135 15.66 -19.71 12.17
CA ASP B 135 16.38 -20.33 11.08
C ASP B 135 16.61 -19.33 9.98
N VAL B 136 15.57 -18.58 9.65
CA VAL B 136 15.66 -17.56 8.60
C VAL B 136 16.69 -16.49 8.98
N TYR B 137 16.59 -15.93 10.18
CA TYR B 137 17.56 -14.97 10.67
C TYR B 137 19.00 -15.53 10.67
N ASP B 138 19.13 -16.79 11.06
CA ASP B 138 20.41 -17.48 11.11
C ASP B 138 21.02 -17.68 9.71
N THR B 139 20.22 -18.23 8.80
CA THR B 139 20.61 -18.33 7.41
C THR B 139 21.05 -16.97 6.84
N LEU B 140 20.25 -15.93 7.01
CA LEU B 140 20.63 -14.61 6.50
C LEU B 140 21.98 -14.16 7.04
N ASN B 141 22.19 -14.37 8.33
CA ASN B 141 23.41 -13.93 8.97
C ASN B 141 24.62 -14.73 8.50
N LYS B 142 24.40 -16.02 8.30
CA LYS B 142 25.47 -16.90 7.86
C LYS B 142 25.88 -16.59 6.44
N CYS B 143 24.91 -16.28 5.59
CA CYS B 143 25.21 -15.82 4.24
C CYS B 143 26.01 -14.54 4.22
N ALA B 144 25.65 -13.60 5.08
CA ALA B 144 26.40 -12.37 5.15
C ALA B 144 27.85 -12.64 5.57
N GLN B 145 28.07 -13.66 6.40
CA GLN B 145 29.42 -14.01 6.82
C GLN B 145 30.24 -14.58 5.66
N GLU B 146 29.67 -15.55 4.94
CA GLU B 146 30.30 -16.15 3.76
C GLU B 146 30.70 -15.12 2.73
N LEU B 147 29.77 -14.24 2.41
CA LEU B 147 29.97 -13.21 1.41
C LEU B 147 30.83 -12.08 1.97
N ASN B 148 31.29 -12.26 3.20
CA ASN B 148 32.10 -11.25 3.88
C ASN B 148 31.56 -9.83 3.90
N VAL B 149 30.29 -9.70 4.29
CA VAL B 149 29.59 -8.42 4.35
C VAL B 149 29.19 -8.13 5.78
N PRO B 150 29.74 -7.06 6.37
CA PRO B 150 29.35 -6.72 7.75
C PRO B 150 27.89 -6.26 7.82
N VAL B 151 27.15 -6.74 8.83
CA VAL B 151 25.73 -6.39 9.01
C VAL B 151 25.41 -6.01 10.46
N PHE B 152 24.30 -5.33 10.66
CA PHE B 152 23.81 -5.09 12.02
C PHE B 152 22.61 -5.98 12.23
N ASN B 153 22.23 -6.15 13.48
CA ASN B 153 21.05 -6.90 13.81
C ASN B 153 20.24 -6.09 14.77
N GLY B 154 18.92 -6.20 14.72
CA GLY B 154 18.15 -5.44 15.67
C GLY B 154 16.69 -5.42 15.34
N ILE B 155 15.97 -4.62 16.11
CA ILE B 155 14.55 -4.48 15.96
C ILE B 155 14.25 -3.33 15.02
N SER B 156 13.28 -3.53 14.15
CA SER B 156 12.84 -2.48 13.29
C SER B 156 11.50 -1.92 13.78
N VAL B 157 11.36 -0.59 13.76
CA VAL B 157 10.04 -0.01 13.92
C VAL B 157 9.33 -0.09 12.58
N SER B 158 8.17 -0.75 12.55
CA SER B 158 7.33 -0.79 11.36
C SER B 158 6.17 0.16 11.58
N SER B 159 6.24 1.33 10.96
CA SER B 159 5.26 2.40 11.20
C SER B 159 4.55 2.81 9.93
N ASP B 160 3.26 3.01 10.03
CA ASP B 160 2.45 3.34 8.87
C ASP B 160 2.54 4.80 8.52
N MET B 161 3.28 5.57 9.31
CA MET B 161 3.44 6.98 9.02
C MET B 161 4.84 7.27 8.51
N PHE B 162 4.92 7.81 7.31
CA PHE B 162 6.18 8.18 6.74
C PHE B 162 6.37 9.65 7.00
N TYR B 163 5.30 10.43 6.85
CA TYR B 163 5.31 11.89 7.03
C TYR B 163 4.58 12.32 8.31
N PRO B 164 5.32 12.70 9.36
CA PRO B 164 4.66 13.14 10.60
C PRO B 164 4.14 14.58 10.52
N ASN B 165 3.11 14.92 11.30
CA ASN B 165 2.69 16.30 11.46
C ASN B 165 3.18 16.86 12.79
N LYS B 166 2.70 18.04 13.14
CA LYS B 166 3.22 18.71 14.32
C LYS B 166 2.23 18.60 15.48
N ILE B 167 1.21 17.76 15.32
CA ILE B 167 0.20 17.61 16.38
C ILE B 167 0.46 16.46 17.37
N ILE B 168 0.42 15.21 16.90
CA ILE B 168 0.74 14.04 17.73
C ILE B 168 2.23 13.80 17.54
N PRO B 169 3.00 13.71 18.63
CA PRO B 169 4.43 13.50 18.37
C PRO B 169 4.72 12.07 17.90
N SER B 170 5.56 11.94 16.89
CA SER B 170 6.14 10.66 16.47
C SER B 170 6.75 9.88 17.63
N ARG B 171 6.63 8.56 17.57
CA ARG B 171 7.28 7.72 18.55
C ARG B 171 8.72 7.28 18.22
N LEU B 172 9.27 7.74 17.10
CA LEU B 172 10.58 7.26 16.67
C LEU B 172 11.66 7.53 17.69
N GLU B 173 11.63 8.71 18.29
CA GLU B 173 12.55 9.00 19.38
C GLU B 173 12.47 8.00 20.55
N ASP B 174 11.25 7.69 21.00
CA ASP B 174 11.04 6.68 22.04
C ASP B 174 11.63 5.33 21.65
N TYR B 175 11.29 4.87 20.44
CA TYR B 175 11.63 3.51 20.04
C TYR B 175 13.16 3.46 19.83
N SER B 176 13.74 4.58 19.44
CA SER B 176 15.19 4.67 19.36
C SER B 176 15.91 4.60 20.73
N LYS B 177 15.39 5.28 21.76
CA LYS B 177 15.91 5.10 23.11
C LYS B 177 15.65 3.68 23.60
N ALA B 178 14.59 3.05 23.08
CA ALA B 178 14.28 1.65 23.42
C ALA B 178 15.23 0.67 22.71
N ASN B 179 16.14 1.20 21.91
CA ASN B 179 17.19 0.44 21.19
C ASN B 179 16.71 -0.22 19.90
N ALA B 180 15.65 0.31 19.30
CA ALA B 180 15.27 -0.15 17.96
C ALA B 180 16.31 0.36 16.97
N ALA B 181 16.71 -0.50 16.03
CA ALA B 181 17.75 -0.16 15.05
C ALA B 181 17.24 0.75 13.93
N VAL B 182 16.12 0.38 13.32
CA VAL B 182 15.78 0.97 12.03
C VAL B 182 14.27 1.16 11.93
N VAL B 183 13.86 1.93 10.93
CA VAL B 183 12.44 2.13 10.68
C VAL B 183 12.05 1.85 9.22
N GLU B 184 11.06 1.00 9.04
CA GLU B 184 10.44 0.83 7.73
C GLU B 184 8.93 0.66 7.86
N MET B 185 8.26 0.03 6.90
CA MET B 185 6.81 0.08 6.89
C MET B 185 6.08 -1.25 6.69
N GLU B 186 6.79 -2.38 6.70
CA GLU B 186 6.14 -3.64 6.35
C GLU B 186 6.51 -4.86 7.21
N LEU B 187 7.65 -4.79 7.89
CA LEU B 187 8.19 -5.97 8.50
C LEU B 187 7.31 -6.61 9.59
N ALA B 188 6.81 -5.82 10.55
CA ALA B 188 5.92 -6.35 11.61
C ALA B 188 4.71 -7.09 11.05
N THR B 189 4.09 -6.49 10.04
CA THR B 189 2.96 -7.12 9.36
C THR B 189 3.30 -8.52 8.80
N LEU B 190 4.44 -8.63 8.12
CA LEU B 190 4.91 -9.91 7.63
C LEU B 190 5.07 -10.90 8.78
N MET B 191 5.75 -10.47 9.83
CA MET B 191 6.02 -11.33 10.95
C MET B 191 4.75 -11.86 11.60
N VAL B 192 3.79 -10.97 11.84
CA VAL B 192 2.59 -11.42 12.53
C VAL B 192 1.80 -12.39 11.62
N ILE B 193 1.61 -12.02 10.38
CA ILE B 193 0.88 -12.87 9.47
C ILE B 193 1.55 -14.24 9.35
N GLY B 194 2.87 -14.24 9.19
CA GLY B 194 3.65 -15.48 9.18
C GLY B 194 3.41 -16.35 10.41
N THR B 195 3.56 -15.78 11.60
CA THR B 195 3.30 -16.52 12.83
C THR B 195 1.89 -17.07 12.87
N LEU B 196 0.91 -16.26 12.47
CA LEU B 196 -0.48 -16.71 12.49
C LEU B 196 -0.76 -17.86 11.55
N ARG B 197 -0.01 -17.97 10.47
CA ARG B 197 -0.29 -18.96 9.43
C ARG B 197 0.86 -19.96 9.27
N LYS B 198 1.64 -20.12 10.33
CA LYS B 198 2.74 -21.09 10.37
C LYS B 198 3.72 -20.97 9.21
N VAL B 199 4.03 -19.74 8.82
CA VAL B 199 5.05 -19.46 7.82
C VAL B 199 6.25 -18.81 8.50
N LYS B 200 7.45 -19.17 8.06
CA LYS B 200 8.69 -18.71 8.66
C LYS B 200 9.13 -17.46 7.92
N THR B 201 9.39 -16.38 8.65
CA THR B 201 9.64 -15.09 8.00
C THR B 201 10.95 -14.48 8.46
N GLY B 202 11.43 -13.50 7.71
CA GLY B 202 12.66 -12.82 8.05
C GLY B 202 12.78 -11.54 7.27
N GLY B 203 13.76 -10.72 7.64
CA GLY B 203 13.88 -9.41 7.05
C GLY B 203 15.31 -8.95 6.89
N ILE B 204 15.63 -8.46 5.70
CA ILE B 204 16.91 -7.86 5.46
C ILE B 204 16.72 -6.50 4.82
N LEU B 205 17.34 -5.49 5.41
CA LEU B 205 17.13 -4.12 5.00
C LEU B 205 18.43 -3.34 4.80
N ILE B 206 18.40 -2.45 3.81
CA ILE B 206 19.49 -1.50 3.59
C ILE B 206 19.06 -0.08 4.00
N VAL B 207 19.91 0.59 4.78
CA VAL B 207 19.65 1.96 5.22
C VAL B 207 19.79 2.95 4.09
N ASP B 208 18.77 3.76 3.85
CA ASP B 208 18.79 4.65 2.69
C ASP B 208 18.55 6.09 3.09
N GLY B 209 18.43 6.31 4.39
CA GLY B 209 17.95 7.58 4.89
C GLY B 209 18.17 7.71 6.37
N CYS B 210 18.11 8.94 6.85
CA CYS B 210 18.34 9.22 8.25
C CYS B 210 17.22 10.13 8.69
N PRO B 211 16.03 9.56 8.96
CA PRO B 211 14.80 10.33 9.19
C PRO B 211 14.81 11.05 10.53
N PHE B 212 15.92 10.91 11.24
CA PHE B 212 16.03 11.26 12.65
C PHE B 212 16.87 12.51 12.90
N LEU B 223 20.31 4.95 -2.82
CA LEU B 223 20.77 3.67 -2.26
C LEU B 223 22.19 3.39 -2.75
N VAL B 224 23.15 3.26 -1.82
CA VAL B 224 24.56 3.04 -2.17
C VAL B 224 24.73 1.80 -3.07
N PRO B 225 25.14 2.02 -4.34
CA PRO B 225 24.96 1.04 -5.43
C PRO B 225 25.55 -0.36 -5.16
N HIS B 226 26.75 -0.41 -4.61
CA HIS B 226 27.42 -1.68 -4.36
C HIS B 226 26.86 -2.38 -3.11
N GLN B 227 26.41 -1.58 -2.13
CA GLN B 227 25.84 -2.13 -0.91
C GLN B 227 24.48 -2.79 -1.18
N LEU B 228 23.70 -2.19 -2.06
CA LEU B 228 22.44 -2.79 -2.50
C LEU B 228 22.66 -4.12 -3.19
N GLU B 229 23.74 -4.20 -3.96
CA GLU B 229 24.10 -5.42 -4.67
C GLU B 229 24.47 -6.56 -3.70
N ASN B 230 25.22 -6.21 -2.66
CA ASN B 230 25.55 -7.14 -1.56
C ASN B 230 24.31 -7.68 -0.86
N MET B 231 23.40 -6.77 -0.52
CA MET B 231 22.19 -7.13 0.19
C MET B 231 21.36 -8.12 -0.60
N ILE B 232 21.25 -7.85 -1.89
CA ILE B 232 20.52 -8.75 -2.75
C ILE B 232 21.18 -10.12 -2.87
N LYS B 233 22.52 -10.15 -2.94
CA LYS B 233 23.26 -11.42 -2.94
C LYS B 233 22.92 -12.24 -1.71
N ILE B 234 22.91 -11.57 -0.55
CA ILE B 234 22.56 -12.20 0.73
C ILE B 234 21.14 -12.74 0.74
N ALA B 235 20.20 -11.91 0.31
CA ALA B 235 18.82 -12.34 0.24
C ALA B 235 18.66 -13.57 -0.65
N LEU B 236 19.30 -13.53 -1.81
CA LEU B 236 19.14 -14.60 -2.81
C LEU B 236 19.80 -15.90 -2.36
N GLY B 237 21.01 -15.77 -1.81
CA GLY B 237 21.74 -16.89 -1.21
C GLY B 237 20.90 -17.58 -0.14
N ALA B 238 20.37 -16.76 0.77
CA ALA B 238 19.52 -17.26 1.85
C ALA B 238 18.27 -17.95 1.33
N CYS B 239 17.65 -17.39 0.29
CA CYS B 239 16.50 -18.04 -0.29
C CYS B 239 16.86 -19.39 -0.86
N ALA B 240 17.99 -19.45 -1.56
CA ALA B 240 18.45 -20.70 -2.16
C ALA B 240 18.82 -21.71 -1.09
N LYS B 241 19.56 -21.27 -0.07
CA LYS B 241 19.88 -22.17 1.03
C LYS B 241 18.65 -22.77 1.70
N LEU B 242 17.65 -21.95 1.97
CA LEU B 242 16.39 -22.44 2.55
C LEU B 242 15.52 -23.23 1.57
N ALA B 243 15.62 -22.94 0.28
CA ALA B 243 14.83 -23.65 -0.74
C ALA B 243 15.24 -25.11 -0.88
N THR B 244 16.52 -25.37 -0.63
CA THR B 244 17.10 -26.71 -0.59
C THR B 244 16.34 -27.67 0.33
N LYS B 245 16.06 -27.23 1.56
CA LYS B 245 15.32 -28.05 2.52
C LYS B 245 13.96 -28.53 2.01
N TYR B 246 13.43 -27.89 0.98
CA TYR B 246 12.08 -28.23 0.52
C TYR B 246 12.08 -28.96 -0.84
N ALA B 247 13.22 -28.96 -1.52
CA ALA B 247 13.32 -29.53 -2.86
C ALA B 247 13.38 -31.06 -2.84
#